data_4XT4
#
_entry.id   4XT4
#
_cell.length_a   70.281
_cell.length_b   94.427
_cell.length_c   75.820
_cell.angle_alpha   90.000
_cell.angle_beta   90.000
_cell.angle_gamma   90.000
#
_symmetry.space_group_name_H-M   'C 2 2 21'
#
loop_
_entity.id
_entity.type
_entity.pdbx_description
1 polymer Rv2671
2 non-polymer 'NADP NICOTINAMIDE-ADENINE-DINUCLEOTIDE PHOSPHATE'
3 non-polymer 2-amino-6-methyl-7,8-dihydropteridin-4(3H)-one
4 non-polymer GLYCEROL
5 water water
#
_entity_poly.entity_id   1
_entity_poly.type   'polypeptide(L)'
_entity_poly.pdbx_seq_one_letter_code
;MPDSGQLGAADTPLRLLSSVHYLTDGELPQLYDYPDDGTWLRANFISSLDGGATVDGTSGAMAGPGDRFVFNLLRELADV
IVVGVGTVRIEGYSGVRMGVVQRQHRQARGQSEVPQLAIVTRSGRLDRDMAVFTRTEMAPLVLTTTAVADDTRQRLAGLA
EVIACSGDDPGTVDEAVLVSQLAARGLRRILTEGGPTLLGTFVERDVLDELCLTIAPYVVGGLARRIVTGPGQVLTRMRC
AHVLTDDSGYLYTRYVKT
;
_entity_poly.pdbx_strand_id   A
#
loop_
_chem_comp.id
_chem_comp.type
_chem_comp.name
_chem_comp.formula
44W non-polymer 2-amino-6-methyl-7,8-dihydropteridin-4(3H)-one 'C7 H9 N5 O'
GOL non-polymer GLYCEROL 'C3 H8 O3'
NAP non-polymer 'NADP NICOTINAMIDE-ADENINE-DINUCLEOTIDE PHOSPHATE' 'C21 H28 N7 O17 P3'
#
# COMPACT_ATOMS: atom_id res chain seq x y z
N PRO A 13 22.58 -17.72 21.59
CA PRO A 13 22.16 -16.46 20.98
C PRO A 13 21.05 -16.69 19.95
N LEU A 14 20.96 -17.91 19.41
CA LEU A 14 20.00 -18.20 18.35
C LEU A 14 18.84 -19.04 18.86
N ARG A 15 17.64 -18.76 18.35
CA ARG A 15 16.44 -19.47 18.78
C ARG A 15 15.71 -19.98 17.58
N LEU A 16 15.22 -21.21 17.67
CA LEU A 16 14.44 -21.81 16.60
C LEU A 16 13.01 -21.26 16.69
N LEU A 17 12.47 -20.80 15.57
CA LEU A 17 11.06 -20.42 15.49
C LEU A 17 10.26 -21.62 15.00
N SER A 18 9.06 -21.81 15.53
CA SER A 18 8.12 -22.77 14.97
C SER A 18 6.69 -22.33 15.28
N SER A 19 5.72 -23.03 14.72
CA SER A 19 4.31 -22.67 14.91
C SER A 19 3.86 -22.89 16.35
N VAL A 20 3.37 -21.84 16.98
CA VAL A 20 2.95 -21.95 18.37
C VAL A 20 1.46 -21.69 18.57
N HIS A 21 0.82 -21.12 17.55
CA HIS A 21 -0.56 -20.67 17.70
C HIS A 21 -1.25 -20.59 16.34
N TYR A 22 -2.36 -21.30 16.20
CA TYR A 22 -3.21 -21.18 15.02
C TYR A 22 -4.10 -19.94 15.14
N LEU A 23 -4.04 -19.07 14.14
CA LEU A 23 -4.80 -17.82 14.20
C LEU A 23 -6.22 -17.95 13.66
N THR A 24 -7.16 -17.37 14.41
CA THR A 24 -8.55 -17.28 14.00
C THR A 24 -8.76 -15.95 13.29
N ASP A 25 -9.83 -15.84 12.49
CA ASP A 25 -10.11 -14.57 11.83
C ASP A 25 -10.48 -13.46 12.81
N GLY A 26 -10.47 -13.78 14.10
CA GLY A 26 -10.61 -12.79 15.15
C GLY A 26 -9.29 -12.17 15.61
N GLU A 27 -8.24 -12.99 15.71
CA GLU A 27 -6.94 -12.51 16.22
C GLU A 27 -6.07 -11.96 15.09
N LEU A 28 -6.27 -12.48 13.89
CA LEU A 28 -5.50 -12.01 12.75
C LEU A 28 -5.61 -10.49 12.55
N PRO A 29 -6.84 -9.91 12.59
CA PRO A 29 -6.94 -8.46 12.47
C PRO A 29 -6.23 -7.73 13.61
N GLN A 30 -6.23 -8.32 14.80
CA GLN A 30 -5.54 -7.74 15.95
C GLN A 30 -4.05 -7.60 15.68
N LEU A 31 -3.46 -8.64 15.08
CA LEU A 31 -2.03 -8.57 14.76
C LEU A 31 -1.66 -7.43 13.82
N TYR A 32 -2.61 -7.00 13.00
CA TYR A 32 -2.31 -5.96 12.01
C TYR A 32 -3.08 -4.69 12.29
N ASP A 33 -3.50 -4.50 13.53
CA ASP A 33 -4.25 -3.29 13.88
C ASP A 33 -3.36 -2.07 13.73
N TYR A 34 -3.98 -0.96 13.33
CA TYR A 34 -3.30 0.33 13.33
C TYR A 34 -3.28 0.87 14.74
N PRO A 35 -2.40 1.84 14.99
CA PRO A 35 -2.39 2.58 16.26
C PRO A 35 -3.72 3.28 16.56
N ASP A 36 -3.95 3.61 17.84
CA ASP A 36 -5.17 4.27 18.26
C ASP A 36 -5.43 5.57 17.51
N ASP A 37 -4.46 6.48 17.56
CA ASP A 37 -4.59 7.75 16.86
C ASP A 37 -3.29 8.10 16.16
N GLY A 38 -3.32 9.17 15.38
CA GLY A 38 -2.14 9.56 14.62
C GLY A 38 -2.11 8.83 13.30
N THR A 39 -1.32 9.34 12.37
CA THR A 39 -1.30 8.76 11.06
C THR A 39 -0.29 7.63 11.04
N TRP A 40 -0.54 6.65 10.20
CA TRP A 40 0.35 5.50 10.16
C TRP A 40 0.39 5.04 8.72
N LEU A 41 1.59 4.96 8.16
CA LEU A 41 1.75 4.52 6.77
C LEU A 41 2.33 3.13 6.74
N ARG A 42 1.51 2.18 6.31
CA ARG A 42 1.88 0.78 6.20
C ARG A 42 2.08 0.43 4.74
N ALA A 43 3.10 -0.37 4.45
CA ALA A 43 3.31 -0.89 3.11
C ALA A 43 3.04 -2.38 3.13
N ASN A 44 2.48 -2.89 2.04
CA ASN A 44 2.33 -4.33 1.89
C ASN A 44 2.91 -4.77 0.56
N PHE A 45 3.87 -5.68 0.61
CA PHE A 45 4.53 -6.16 -0.61
C PHE A 45 4.78 -7.64 -0.54
N ILE A 46 5.10 -8.23 -1.69
CA ILE A 46 5.51 -9.63 -1.73
C ILE A 46 6.82 -9.72 -2.51
N SER A 47 7.71 -10.61 -2.10
CA SER A 47 8.87 -10.84 -2.94
C SER A 47 9.43 -12.23 -2.78
N SER A 48 10.27 -12.63 -3.72
CA SER A 48 10.83 -13.97 -3.67
C SER A 48 11.97 -14.00 -2.67
N LEU A 49 12.54 -15.19 -2.44
CA LEU A 49 13.71 -15.33 -1.56
C LEU A 49 14.90 -14.54 -2.08
N ASP A 50 15.08 -14.53 -3.40
CA ASP A 50 16.20 -13.80 -3.95
C ASP A 50 15.85 -12.35 -4.32
N GLY A 51 14.80 -11.84 -3.67
CA GLY A 51 14.52 -10.41 -3.67
C GLY A 51 13.74 -9.86 -4.85
N GLY A 52 13.18 -10.72 -5.68
CA GLY A 52 12.47 -10.26 -6.88
C GLY A 52 11.00 -9.99 -6.59
N ALA A 53 10.49 -8.86 -7.07
CA ALA A 53 9.12 -8.43 -6.75
C ALA A 53 8.12 -8.84 -7.81
N THR A 54 8.60 -9.26 -8.97
CA THR A 54 7.69 -9.61 -10.04
C THR A 54 8.07 -10.92 -10.71
N VAL A 55 7.07 -11.58 -11.25
CA VAL A 55 7.27 -12.68 -12.18
C VAL A 55 6.50 -12.26 -13.42
N ASP A 56 7.21 -11.67 -14.39
CA ASP A 56 6.61 -11.15 -15.64
C ASP A 56 5.76 -9.90 -15.46
N GLY A 57 6.31 -8.87 -14.81
CA GLY A 57 5.63 -7.59 -14.68
C GLY A 57 4.71 -7.47 -13.46
N THR A 58 4.18 -8.59 -12.99
CA THR A 58 3.25 -8.59 -11.87
C THR A 58 3.70 -9.47 -10.71
N SER A 59 3.07 -9.31 -9.55
CA SER A 59 3.41 -10.04 -8.32
C SER A 59 2.64 -11.36 -8.17
N GLY A 60 1.48 -11.44 -8.82
CA GLY A 60 0.46 -12.44 -8.55
C GLY A 60 0.87 -13.90 -8.62
N ALA A 61 1.80 -14.23 -9.51
CA ALA A 61 2.25 -15.61 -9.68
C ALA A 61 2.82 -16.18 -8.38
N MET A 62 3.35 -15.30 -7.54
CA MET A 62 3.98 -15.74 -6.29
C MET A 62 2.99 -15.78 -5.14
N ALA A 63 1.82 -15.19 -5.34
CA ALA A 63 0.83 -15.04 -4.26
C ALA A 63 -0.13 -16.21 -4.23
N GLY A 64 -0.14 -16.96 -3.13
CA GLY A 64 -1.09 -18.05 -2.97
C GLY A 64 -2.26 -17.60 -2.11
N PRO A 65 -3.10 -18.55 -1.65
CA PRO A 65 -4.32 -18.21 -0.90
C PRO A 65 -4.01 -17.48 0.40
N GLY A 66 -2.93 -17.85 1.07
CA GLY A 66 -2.55 -17.16 2.30
C GLY A 66 -2.25 -15.68 2.06
N ASP A 67 -1.50 -15.39 1.01
CA ASP A 67 -1.14 -14.00 0.76
C ASP A 67 -2.36 -13.22 0.32
N ARG A 68 -3.23 -13.86 -0.43
CA ARG A 68 -4.46 -13.17 -0.84
C ARG A 68 -5.30 -12.81 0.37
N PHE A 69 -5.32 -13.70 1.33
CA PHE A 69 -6.07 -13.46 2.56
C PHE A 69 -5.47 -12.29 3.35
N VAL A 70 -4.15 -12.30 3.54
CA VAL A 70 -3.52 -11.18 4.22
C VAL A 70 -3.71 -9.85 3.47
N PHE A 71 -3.57 -9.91 2.14
CA PHE A 71 -3.68 -8.73 1.29
C PHE A 71 -5.07 -8.08 1.43
N ASN A 72 -6.10 -8.91 1.36
CA ASN A 72 -7.48 -8.41 1.51
C ASN A 72 -7.75 -7.91 2.92
N LEU A 73 -7.15 -8.55 3.93
CA LEU A 73 -7.28 -8.06 5.31
C LEU A 73 -6.68 -6.66 5.50
N LEU A 74 -5.45 -6.47 4.99
CA LEU A 74 -4.82 -5.17 5.14
C LEU A 74 -5.64 -4.10 4.41
N ARG A 75 -6.22 -4.45 3.27
CA ARG A 75 -7.09 -3.47 2.61
C ARG A 75 -8.33 -3.19 3.46
N GLU A 76 -8.89 -4.22 4.08
CA GLU A 76 -10.08 -4.03 4.93
C GLU A 76 -9.82 -3.11 6.12
N LEU A 77 -8.60 -3.14 6.64
CA LEU A 77 -8.24 -2.32 7.80
C LEU A 77 -7.92 -0.86 7.47
N ALA A 78 -7.62 -0.59 6.20
CA ALA A 78 -7.09 0.73 5.81
C ALA A 78 -8.18 1.78 5.59
N ASP A 79 -7.85 3.05 5.87
CA ASP A 79 -8.74 4.16 5.53
C ASP A 79 -8.60 4.51 4.03
N VAL A 80 -7.39 4.33 3.51
CA VAL A 80 -7.09 4.70 2.13
C VAL A 80 -5.93 3.85 1.64
N ILE A 81 -5.99 3.44 0.37
CA ILE A 81 -4.91 2.70 -0.30
C ILE A 81 -4.23 3.62 -1.27
N VAL A 82 -2.94 3.86 -1.06
CA VAL A 82 -2.16 4.78 -1.87
C VAL A 82 -1.26 4.00 -2.81
N VAL A 83 -1.37 4.36 -4.09
CA VAL A 83 -0.65 3.68 -5.16
C VAL A 83 -0.14 4.66 -6.21
N GLY A 84 1.03 4.38 -6.77
CA GLY A 84 1.60 5.22 -7.80
C GLY A 84 0.88 4.98 -9.11
N VAL A 85 1.00 5.91 -10.05
CA VAL A 85 0.22 5.80 -11.28
C VAL A 85 0.71 4.62 -12.14
N GLY A 86 1.99 4.30 -12.03
CA GLY A 86 2.57 3.19 -12.78
C GLY A 86 1.96 1.85 -12.40
N THR A 87 1.85 1.59 -11.10
CA THR A 87 1.31 0.31 -10.64
C THR A 87 -0.19 0.22 -10.97
N VAL A 88 -0.87 1.37 -10.93
CA VAL A 88 -2.28 1.45 -11.31
C VAL A 88 -2.45 1.08 -12.78
N ARG A 89 -1.52 1.54 -13.61
CA ARG A 89 -1.58 1.21 -15.04
C ARG A 89 -1.24 -0.26 -15.31
N ILE A 90 -0.28 -0.77 -14.55
CA ILE A 90 0.29 -2.07 -14.84
C ILE A 90 -0.38 -3.25 -14.11
N GLU A 91 -0.74 -3.09 -12.84
CA GLU A 91 -1.48 -4.17 -12.21
C GLU A 91 -2.98 -4.10 -12.51
N GLY A 92 -3.38 -3.08 -13.25
CA GLY A 92 -4.78 -2.96 -13.66
C GLY A 92 -5.72 -2.70 -12.50
N TYR A 93 -5.36 -1.76 -11.64
CA TYR A 93 -6.21 -1.40 -10.51
C TYR A 93 -7.57 -0.94 -11.00
N SER A 94 -8.61 -1.58 -10.48
CA SER A 94 -9.96 -1.05 -10.59
C SER A 94 -10.26 -0.42 -9.25
N GLY A 95 -11.50 -0.46 -8.82
CA GLY A 95 -11.83 -0.01 -7.48
C GLY A 95 -11.41 -1.02 -6.45
N VAL A 96 -11.59 -0.66 -5.18
CA VAL A 96 -11.33 -1.60 -4.09
C VAL A 96 -12.63 -2.35 -3.85
N ARG A 97 -12.55 -3.68 -3.84
CA ARG A 97 -13.75 -4.47 -3.62
C ARG A 97 -13.82 -4.97 -2.18
N MET A 98 -14.96 -4.78 -1.54
CA MET A 98 -15.18 -5.28 -0.20
C MET A 98 -16.43 -6.18 -0.19
N GLY A 99 -16.31 -7.36 0.42
CA GLY A 99 -17.44 -8.25 0.55
C GLY A 99 -18.31 -7.82 1.71
N VAL A 100 -19.40 -8.57 1.95
CA VAL A 100 -20.40 -8.19 2.95
C VAL A 100 -19.86 -8.13 4.37
N VAL A 101 -19.20 -9.19 4.82
CA VAL A 101 -18.70 -9.20 6.19
C VAL A 101 -17.60 -8.16 6.31
N GLN A 102 -16.83 -7.92 5.26
CA GLN A 102 -15.77 -6.91 5.32
C GLN A 102 -16.39 -5.52 5.52
N ARG A 103 -17.42 -5.21 4.75
CA ARG A 103 -18.17 -3.97 4.94
C ARG A 103 -18.71 -3.85 6.36
N GLN A 104 -19.26 -4.96 6.86
CA GLN A 104 -19.75 -5.00 8.24
C GLN A 104 -18.68 -4.67 9.27
N HIS A 105 -17.54 -5.37 9.16
CA HIS A 105 -16.41 -5.11 10.04
C HIS A 105 -16.00 -3.66 9.98
N ARG A 106 -15.90 -3.12 8.76
CA ARG A 106 -15.48 -1.73 8.60
C ARG A 106 -16.45 -0.79 9.33
N GLN A 107 -17.74 -0.99 9.12
CA GLN A 107 -18.75 -0.20 9.83
C GLN A 107 -18.62 -0.32 11.34
N ALA A 108 -18.42 -1.54 11.82
CA ALA A 108 -18.15 -1.77 13.25
C ALA A 108 -17.01 -0.91 13.79
N ARG A 109 -15.96 -0.72 12.98
CA ARG A 109 -14.81 0.09 13.41
C ARG A 109 -14.98 1.58 13.13
N GLY A 110 -16.17 1.98 12.68
CA GLY A 110 -16.43 3.39 12.40
C GLY A 110 -15.92 3.86 11.05
N GLN A 111 -15.60 2.91 10.17
CA GLN A 111 -15.05 3.25 8.86
C GLN A 111 -16.12 3.23 7.81
N SER A 112 -15.84 3.85 6.66
CA SER A 112 -16.70 3.75 5.50
C SER A 112 -16.74 2.30 5.04
N GLU A 113 -17.74 1.97 4.22
CA GLU A 113 -17.89 0.58 3.77
C GLU A 113 -16.72 0.08 2.92
N VAL A 114 -16.13 0.96 2.12
CA VAL A 114 -15.05 0.60 1.20
C VAL A 114 -13.96 1.68 1.27
N PRO A 115 -12.66 1.28 1.37
CA PRO A 115 -11.64 2.33 1.52
C PRO A 115 -11.40 3.08 0.22
N GLN A 116 -10.96 4.32 0.33
CA GLN A 116 -10.66 5.10 -0.85
C GLN A 116 -9.36 4.65 -1.45
N LEU A 117 -9.20 4.98 -2.73
CA LEU A 117 -7.95 4.78 -3.43
C LEU A 117 -7.38 6.16 -3.70
N ALA A 118 -6.07 6.32 -3.53
CA ALA A 118 -5.39 7.56 -3.85
C ALA A 118 -4.23 7.27 -4.78
N ILE A 119 -4.20 7.98 -5.91
CA ILE A 119 -3.22 7.73 -6.96
C ILE A 119 -2.20 8.86 -7.00
N VAL A 120 -0.94 8.52 -6.83
CA VAL A 120 0.13 9.52 -6.79
C VAL A 120 0.72 9.76 -8.17
N THR A 121 0.81 11.02 -8.57
CA THR A 121 1.38 11.39 -9.85
C THR A 121 2.04 12.76 -9.76
N ARG A 122 3.31 12.86 -10.11
CA ARG A 122 3.96 14.16 -10.09
C ARG A 122 3.51 14.96 -11.30
N SER A 123 3.34 14.26 -12.43
CA SER A 123 2.98 14.92 -13.68
C SER A 123 1.53 15.38 -13.68
N GLY A 124 0.65 14.58 -13.09
CA GLY A 124 -0.78 14.86 -13.15
C GLY A 124 -1.41 14.31 -14.41
N ARG A 125 -0.61 13.66 -15.25
CA ARG A 125 -1.11 13.17 -16.53
C ARG A 125 -1.83 11.83 -16.43
N LEU A 126 -3.12 11.89 -16.10
CA LEU A 126 -3.98 10.71 -16.03
C LEU A 126 -5.13 10.84 -17.03
N ASP A 127 -5.69 9.70 -17.49
CA ASP A 127 -6.79 9.72 -18.44
C ASP A 127 -8.13 9.41 -17.79
N ARG A 128 -9.22 9.87 -18.42
CA ARG A 128 -10.57 9.79 -17.85
C ARG A 128 -11.20 8.39 -17.76
N ASP A 129 -10.76 7.43 -18.55
CA ASP A 129 -11.45 6.12 -18.55
C ASP A 129 -10.70 4.96 -17.88
N MET A 130 -9.63 5.25 -17.12
CA MET A 130 -8.92 4.23 -16.35
C MET A 130 -9.90 3.50 -15.42
N ALA A 131 -9.61 2.23 -15.11
CA ALA A 131 -10.51 1.43 -14.28
C ALA A 131 -10.67 1.99 -12.86
N VAL A 132 -9.67 2.74 -12.41
CA VAL A 132 -9.75 3.41 -11.10
C VAL A 132 -10.88 4.42 -11.10
N PHE A 133 -11.17 4.94 -12.28
CA PHE A 133 -12.25 5.89 -12.45
C PHE A 133 -13.52 5.17 -12.83
N THR A 134 -13.39 4.09 -13.60
CA THR A 134 -14.56 3.41 -14.18
C THR A 134 -15.13 2.26 -13.35
N ARG A 135 -14.30 1.30 -12.97
CA ARG A 135 -14.81 0.15 -12.24
C ARG A 135 -14.69 0.40 -10.74
N THR A 136 -15.41 1.41 -10.24
CA THR A 136 -15.24 1.86 -8.85
C THR A 136 -16.51 2.35 -8.15
N GLU A 137 -16.66 1.93 -6.90
CA GLU A 137 -17.80 2.27 -6.09
C GLU A 137 -17.63 3.68 -5.54
N MET A 138 -16.38 4.06 -5.34
CA MET A 138 -16.06 5.33 -4.71
C MET A 138 -14.99 6.05 -5.51
N ALA A 139 -15.22 7.32 -5.81
CA ALA A 139 -14.26 8.13 -6.56
C ALA A 139 -12.92 8.26 -5.84
N PRO A 140 -11.81 8.13 -6.58
CA PRO A 140 -10.48 8.13 -5.97
C PRO A 140 -9.93 9.53 -5.81
N LEU A 141 -8.91 9.64 -4.96
CA LEU A 141 -8.16 10.87 -4.83
C LEU A 141 -6.97 10.80 -5.77
N VAL A 142 -6.57 11.94 -6.30
CA VAL A 142 -5.35 12.05 -7.08
C VAL A 142 -4.43 12.99 -6.34
N LEU A 143 -3.28 12.48 -5.90
CA LEU A 143 -2.32 13.24 -5.12
C LEU A 143 -1.22 13.75 -6.04
N THR A 144 -1.12 15.06 -6.22
CA THR A 144 -0.18 15.58 -7.20
C THR A 144 0.49 16.87 -6.70
N THR A 145 1.03 17.67 -7.60
CA THR A 145 1.78 18.86 -7.17
C THR A 145 0.95 20.14 -7.27
N THR A 146 1.36 21.17 -6.54
CA THR A 146 0.69 22.46 -6.63
C THR A 146 0.72 22.98 -8.06
N ALA A 147 1.83 22.71 -8.74
CA ALA A 147 2.04 23.20 -10.10
C ALA A 147 0.97 22.74 -11.07
N VAL A 148 0.56 21.48 -10.98
CA VAL A 148 -0.37 20.91 -11.96
C VAL A 148 -1.78 20.60 -11.42
N ALA A 149 -1.99 20.90 -10.14
CA ALA A 149 -3.24 20.55 -9.48
C ALA A 149 -4.48 21.15 -10.15
N ASP A 150 -4.43 22.42 -10.52
CA ASP A 150 -5.62 23.06 -11.08
C ASP A 150 -6.03 22.46 -12.44
N ASP A 151 -5.08 22.35 -13.36
CA ASP A 151 -5.36 21.74 -14.66
C ASP A 151 -5.84 20.30 -14.49
N THR A 152 -5.17 19.54 -13.64
CA THR A 152 -5.52 18.15 -13.41
C THR A 152 -6.96 18.05 -12.89
N ARG A 153 -7.26 18.89 -11.91
CA ARG A 153 -8.62 19.01 -11.38
C ARG A 153 -9.62 19.25 -12.51
N GLN A 154 -9.28 20.16 -13.43
CA GLN A 154 -10.17 20.47 -14.54
C GLN A 154 -10.38 19.29 -15.50
N ARG A 155 -9.31 18.60 -15.86
CA ARG A 155 -9.40 17.44 -16.77
C ARG A 155 -10.19 16.27 -16.15
N LEU A 156 -10.09 16.09 -14.84
CA LEU A 156 -10.71 14.96 -14.17
C LEU A 156 -11.98 15.32 -13.41
N ALA A 157 -12.60 16.44 -13.78
CA ALA A 157 -13.85 16.86 -13.15
C ALA A 157 -14.89 15.73 -13.14
N GLY A 158 -15.47 15.47 -11.98
CA GLY A 158 -16.49 14.43 -11.84
C GLY A 158 -15.96 13.01 -11.65
N LEU A 159 -14.66 12.83 -11.82
CA LEU A 159 -14.05 11.50 -11.76
C LEU A 159 -13.18 11.30 -10.52
N ALA A 160 -12.59 12.38 -10.02
CA ALA A 160 -11.64 12.28 -8.91
C ALA A 160 -11.42 13.61 -8.17
N GLU A 161 -11.18 13.53 -6.87
CA GLU A 161 -10.77 14.68 -6.07
C GLU A 161 -9.26 14.84 -6.20
N VAL A 162 -8.80 16.00 -6.68
CA VAL A 162 -7.39 16.23 -6.92
C VAL A 162 -6.85 17.07 -5.78
N ILE A 163 -5.73 16.64 -5.22
CA ILE A 163 -5.19 17.29 -4.03
C ILE A 163 -3.72 17.62 -4.26
N ALA A 164 -3.34 18.86 -4.01
CA ALA A 164 -1.95 19.29 -4.13
C ALA A 164 -1.19 18.87 -2.89
N CYS A 165 -0.05 18.23 -3.09
CA CYS A 165 0.71 17.66 -1.99
C CYS A 165 2.14 18.19 -2.00
N SER A 166 2.30 19.41 -2.48
CA SER A 166 3.63 20.04 -2.51
C SER A 166 3.97 20.61 -1.15
N GLY A 167 5.25 20.58 -0.81
CA GLY A 167 5.76 21.23 0.38
C GLY A 167 6.37 22.57 0.00
N ASP A 168 7.70 22.67 0.11
CA ASP A 168 8.40 23.90 -0.26
C ASP A 168 8.38 24.16 -1.76
N ASP A 169 8.33 23.07 -2.54
CA ASP A 169 8.51 23.16 -3.98
C ASP A 169 7.22 22.80 -4.70
N PRO A 170 6.59 23.77 -5.36
CA PRO A 170 5.31 23.55 -6.03
C PRO A 170 5.39 22.56 -7.18
N GLY A 171 6.59 22.21 -7.65
CA GLY A 171 6.73 21.29 -8.77
C GLY A 171 7.02 19.85 -8.38
N THR A 172 7.06 19.56 -7.08
CA THR A 172 7.25 18.18 -6.62
C THR A 172 6.24 17.81 -5.55
N VAL A 173 6.13 16.50 -5.31
CA VAL A 173 5.34 15.98 -4.20
C VAL A 173 6.27 15.79 -2.99
N ASP A 174 5.86 16.31 -1.85
CA ASP A 174 6.56 16.12 -0.58
C ASP A 174 5.80 15.02 0.12
N GLU A 175 6.46 13.88 0.36
CA GLU A 175 5.74 12.69 0.83
C GLU A 175 5.17 12.82 2.24
N ALA A 176 5.81 13.64 3.07
CA ALA A 176 5.29 13.94 4.40
C ALA A 176 4.00 14.79 4.30
N VAL A 177 4.02 15.72 3.35
CA VAL A 177 2.82 16.52 3.07
C VAL A 177 1.71 15.62 2.53
N LEU A 178 2.04 14.69 1.65
CA LEU A 178 1.05 13.75 1.12
C LEU A 178 0.34 13.05 2.28
N VAL A 179 1.14 12.47 3.16
CA VAL A 179 0.61 11.82 4.35
C VAL A 179 -0.30 12.76 5.18
N SER A 180 0.16 13.99 5.40
CA SER A 180 -0.64 14.96 6.15
C SER A 180 -1.96 15.31 5.44
N GLN A 181 -1.94 15.30 4.12
CA GLN A 181 -3.13 15.65 3.36
C GLN A 181 -4.17 14.55 3.49
N LEU A 182 -3.71 13.31 3.55
CA LEU A 182 -4.66 12.21 3.78
C LEU A 182 -5.23 12.27 5.20
N ALA A 183 -4.34 12.47 6.18
CA ALA A 183 -4.74 12.56 7.58
C ALA A 183 -5.78 13.66 7.81
N ALA A 184 -5.55 14.81 7.17
CA ALA A 184 -6.43 15.96 7.32
C ALA A 184 -7.84 15.65 6.84
N ARG A 185 -7.95 14.61 6.02
CA ARG A 185 -9.24 14.21 5.48
C ARG A 185 -9.82 13.02 6.22
N GLY A 186 -9.24 12.70 7.38
CA GLY A 186 -9.73 11.63 8.22
C GLY A 186 -9.21 10.27 7.77
N LEU A 187 -8.23 10.28 6.87
CA LEU A 187 -7.69 9.03 6.31
C LEU A 187 -6.32 8.77 6.90
N ARG A 188 -6.29 8.52 8.20
CA ARG A 188 -5.01 8.42 8.91
C ARG A 188 -4.43 7.00 8.85
N ARG A 189 -5.27 6.01 8.58
CA ARG A 189 -4.80 4.63 8.48
C ARG A 189 -4.50 4.31 7.02
N ILE A 190 -3.24 4.47 6.65
CA ILE A 190 -2.84 4.45 5.25
C ILE A 190 -2.16 3.13 4.88
N LEU A 191 -2.53 2.61 3.72
CA LEU A 191 -1.88 1.41 3.23
C LEU A 191 -1.32 1.74 1.89
N THR A 192 -0.06 1.44 1.62
CA THR A 192 0.40 1.61 0.25
C THR A 192 0.78 0.30 -0.37
N GLU A 193 0.49 0.15 -1.66
CA GLU A 193 0.83 -1.12 -2.31
C GLU A 193 1.84 -0.92 -3.44
N GLY A 194 2.49 0.25 -3.46
CA GLY A 194 3.52 0.50 -4.45
C GLY A 194 3.10 1.50 -5.51
N GLY A 195 3.74 1.47 -6.68
CA GLY A 195 4.76 0.49 -7.00
C GLY A 195 6.14 0.81 -6.44
N PRO A 196 7.18 0.23 -7.05
CA PRO A 196 8.54 0.36 -6.51
C PRO A 196 9.07 1.79 -6.48
N THR A 197 8.70 2.64 -7.43
CA THR A 197 9.18 4.03 -7.37
C THR A 197 8.59 4.77 -6.17
N LEU A 198 7.27 4.68 -6.00
CA LEU A 198 6.62 5.33 -4.85
C LEU A 198 7.16 4.80 -3.53
N LEU A 199 7.20 3.47 -3.37
CA LEU A 199 7.77 2.92 -2.13
C LEU A 199 9.19 3.44 -1.92
N GLY A 200 9.95 3.50 -3.01
CA GLY A 200 11.31 4.04 -2.95
C GLY A 200 11.32 5.45 -2.39
N THR A 201 10.36 6.29 -2.78
CA THR A 201 10.33 7.65 -2.24
C THR A 201 9.88 7.70 -0.78
N PHE A 202 8.96 6.82 -0.39
CA PHE A 202 8.56 6.77 1.01
C PHE A 202 9.73 6.34 1.89
N VAL A 203 10.53 5.40 1.40
CA VAL A 203 11.72 4.95 2.12
C VAL A 203 12.80 6.05 2.16
N GLU A 204 13.11 6.61 1.01
CA GLU A 204 14.10 7.69 0.91
C GLU A 204 13.77 8.90 1.78
N ARG A 205 12.48 9.24 1.87
CA ARG A 205 12.00 10.40 2.62
C ARG A 205 11.71 10.02 4.09
N ASP A 206 11.90 8.75 4.43
CA ASP A 206 11.69 8.25 5.79
C ASP A 206 10.29 8.51 6.36
N VAL A 207 9.26 8.29 5.55
CA VAL A 207 7.92 8.42 6.10
C VAL A 207 7.19 7.07 6.22
N LEU A 208 7.89 5.98 5.95
CA LEU A 208 7.27 4.67 6.06
C LEU A 208 7.33 4.20 7.51
N ASP A 209 6.17 3.95 8.12
CA ASP A 209 6.13 3.47 9.50
C ASP A 209 6.24 1.96 9.66
N GLU A 210 5.75 1.22 8.67
CA GLU A 210 5.66 -0.22 8.83
C GLU A 210 5.70 -0.90 7.47
N LEU A 211 6.38 -2.04 7.38
CA LEU A 211 6.39 -2.83 6.17
C LEU A 211 5.87 -4.21 6.48
N CYS A 212 4.78 -4.60 5.83
CA CYS A 212 4.34 -5.99 5.89
C CYS A 212 4.87 -6.64 4.64
N LEU A 213 5.62 -7.72 4.80
CA LEU A 213 6.22 -8.29 3.63
C LEU A 213 5.96 -9.77 3.60
N THR A 214 5.40 -10.24 2.50
CA THR A 214 5.23 -11.66 2.25
C THR A 214 6.48 -12.14 1.55
N ILE A 215 7.16 -13.11 2.16
CA ILE A 215 8.31 -13.74 1.56
C ILE A 215 7.83 -15.06 0.96
N ALA A 216 7.87 -15.12 -0.36
CA ALA A 216 7.34 -16.24 -1.10
C ALA A 216 8.45 -17.25 -1.31
N PRO A 217 8.11 -18.55 -1.19
CA PRO A 217 9.20 -19.55 -1.20
C PRO A 217 9.67 -19.92 -2.61
N TYR A 218 10.17 -18.92 -3.34
CA TYR A 218 10.67 -19.16 -4.69
C TYR A 218 11.98 -18.43 -4.87
N VAL A 219 12.82 -18.94 -5.78
CA VAL A 219 13.85 -18.10 -6.36
C VAL A 219 13.46 -17.81 -7.81
N VAL A 220 13.69 -16.58 -8.27
CA VAL A 220 13.28 -16.20 -9.61
C VAL A 220 14.41 -15.81 -10.56
N GLY A 221 15.64 -15.69 -10.04
CA GLY A 221 16.77 -15.32 -10.88
C GLY A 221 16.91 -13.83 -11.08
N GLY A 222 17.89 -13.42 -11.90
CA GLY A 222 18.37 -12.04 -11.86
C GLY A 222 17.55 -10.94 -12.50
N LEU A 223 16.62 -11.32 -13.37
CA LEU A 223 15.88 -10.32 -14.15
C LEU A 223 14.95 -9.39 -13.34
N ALA A 224 14.21 -9.94 -12.38
CA ALA A 224 13.19 -9.16 -11.68
C ALA A 224 13.76 -7.98 -10.91
N ARG A 225 12.95 -6.92 -10.81
CA ARG A 225 13.31 -5.76 -9.99
C ARG A 225 12.99 -6.07 -8.54
N ARG A 226 13.53 -5.25 -7.63
CA ARG A 226 13.17 -5.32 -6.22
C ARG A 226 11.82 -4.64 -5.98
N ILE A 227 11.32 -4.70 -4.75
CA ILE A 227 10.05 -4.05 -4.41
C ILE A 227 10.21 -2.53 -4.35
N VAL A 228 11.46 -2.06 -4.29
CA VAL A 228 11.80 -0.65 -4.35
C VAL A 228 12.78 -0.39 -5.51
N THR A 229 12.61 0.72 -6.21
CA THR A 229 13.55 1.15 -7.23
C THR A 229 13.82 2.64 -7.07
N GLY A 230 14.81 3.15 -7.79
CA GLY A 230 15.18 4.54 -7.65
C GLY A 230 16.61 4.69 -7.17
N PRO A 231 17.09 5.94 -7.12
CA PRO A 231 18.48 6.26 -6.77
C PRO A 231 18.67 6.32 -5.26
N GLY A 232 17.57 6.22 -4.52
CA GLY A 232 17.63 6.36 -3.07
C GLY A 232 18.51 5.33 -2.40
N GLN A 233 19.24 5.74 -1.38
CA GLN A 233 20.00 4.80 -0.58
C GLN A 233 19.95 5.20 0.89
N VAL A 234 19.39 4.33 1.72
CA VAL A 234 19.36 4.59 3.16
C VAL A 234 19.72 3.33 3.91
N LEU A 235 19.67 3.42 5.23
CA LEU A 235 19.90 2.26 6.08
C LEU A 235 18.98 2.39 7.28
N THR A 236 17.70 2.09 7.07
CA THR A 236 16.68 2.35 8.07
C THR A 236 16.41 1.06 8.83
N ARG A 237 16.64 1.11 10.14
CA ARG A 237 16.50 -0.08 10.98
C ARG A 237 15.03 -0.28 11.33
N MET A 238 14.54 -1.53 11.22
CA MET A 238 13.17 -1.87 11.61
C MET A 238 13.20 -2.93 12.68
N ARG A 239 12.08 -3.04 13.39
CA ARG A 239 11.89 -4.03 14.44
C ARG A 239 10.92 -5.09 13.92
N CYS A 240 11.23 -6.35 14.15
CA CYS A 240 10.35 -7.43 13.72
C CYS A 240 9.22 -7.59 14.72
N ALA A 241 8.00 -7.26 14.29
CA ALA A 241 6.84 -7.35 15.17
C ALA A 241 6.27 -8.76 15.17
N HIS A 242 6.17 -9.38 13.99
CA HIS A 242 5.69 -10.75 13.93
C HIS A 242 6.08 -11.43 12.64
N VAL A 243 6.07 -12.76 12.66
CA VAL A 243 6.24 -13.59 11.47
C VAL A 243 5.17 -14.67 11.55
N LEU A 244 4.32 -14.74 10.52
CA LEU A 244 3.32 -15.80 10.41
C LEU A 244 3.78 -16.76 9.34
N THR A 245 3.19 -17.95 9.31
CA THR A 245 3.45 -18.85 8.20
C THR A 245 2.19 -19.62 7.83
N ASP A 246 2.26 -20.37 6.75
CA ASP A 246 1.15 -21.24 6.39
C ASP A 246 1.73 -22.61 6.06
N ASP A 247 0.92 -23.49 5.48
CA ASP A 247 1.39 -24.83 5.18
C ASP A 247 2.35 -24.85 3.97
N SER A 248 2.36 -23.79 3.18
CA SER A 248 3.12 -23.79 1.94
C SER A 248 4.49 -23.15 2.05
N GLY A 249 4.87 -22.75 3.26
CA GLY A 249 6.22 -22.23 3.48
C GLY A 249 6.37 -20.74 3.23
N TYR A 250 5.25 -20.02 3.17
CA TYR A 250 5.31 -18.56 3.00
C TYR A 250 5.59 -17.96 4.34
N LEU A 251 6.29 -16.82 4.38
CA LEU A 251 6.43 -16.11 5.64
C LEU A 251 5.71 -14.78 5.51
N TYR A 252 4.81 -14.47 6.45
CA TYR A 252 4.08 -13.21 6.44
C TYR A 252 4.63 -12.37 7.55
N THR A 253 5.45 -11.38 7.20
CA THR A 253 6.16 -10.60 8.21
C THR A 253 5.59 -9.20 8.38
N ARG A 254 5.83 -8.63 9.55
CA ARG A 254 5.43 -7.25 9.85
C ARG A 254 6.58 -6.62 10.60
N TYR A 255 7.13 -5.53 10.05
CA TYR A 255 8.25 -4.82 10.66
C TYR A 255 7.85 -3.38 10.84
N VAL A 256 8.34 -2.75 11.91
CA VAL A 256 7.92 -1.40 12.30
C VAL A 256 9.16 -0.55 12.50
N LYS A 257 9.16 0.71 12.07
CA LYS A 257 10.33 1.56 12.40
C LYS A 257 10.33 1.74 13.94
N THR A 258 11.46 1.83 14.65
CA THR A 258 12.78 2.22 14.19
C THR A 258 13.88 1.25 14.63
PA NAP B . 4.80 3.25 -9.48
O1A NAP B . 5.62 3.74 -8.33
O2A NAP B . 3.41 2.92 -9.01
O5B NAP B . 4.79 4.28 -10.62
C5B NAP B . 5.58 5.40 -10.59
C4B NAP B . 4.87 6.68 -10.98
O4B NAP B . 3.90 7.11 -9.97
C3B NAP B . 5.78 7.84 -11.20
O3B NAP B . 6.15 8.01 -12.52
C2B NAP B . 4.98 8.98 -10.78
O2B NAP B . 4.07 9.38 -11.74
C1B NAP B . 4.25 8.39 -9.60
N9A NAP B . 5.02 8.49 -8.35
C8A NAP B . 5.62 7.53 -7.62
N7A NAP B . 6.20 8.12 -6.56
C5A NAP B . 5.96 9.45 -6.60
C6A NAP B . 6.27 10.54 -5.81
N6A NAP B . 7.05 10.42 -4.57
N1A NAP B . 5.83 11.76 -6.17
C2A NAP B . 5.10 11.95 -7.29
N3A NAP B . 4.79 10.91 -8.08
C4A NAP B . 5.20 9.67 -7.74
O3 NAP B . 5.42 1.93 -10.05
PN NAP B . 6.59 1.81 -11.05
O1N NAP B . 7.87 2.28 -10.45
O2N NAP B . 6.69 0.29 -11.46
O5D NAP B . 6.33 2.60 -12.31
P2B NAP B . 4.31 10.44 -12.84
O1X NAP B . 4.80 11.73 -12.26
O2X NAP B . 2.97 10.67 -13.54
O3X NAP B . 5.30 9.91 -13.85
N01 44W C . 1.43 -9.36 -0.07
C02 44W C . 1.29 -8.71 -1.30
N03 44W C . 1.60 -7.38 -1.39
C04 44W C . 1.42 -6.79 -2.65
N05 44W C . 1.72 -5.41 -2.77
C06 44W C . 2.17 -5.01 -4.15
C07 44W C . 1.36 -5.64 -5.27
C08 44W C . 1.20 -4.86 -6.61
N19 44W C . 0.81 -6.83 -5.08
C20 44W C . 0.99 -7.43 -3.81
C21 44W C . 0.65 -8.86 -3.72
O22 44W C . 0.26 -9.61 -4.56
N23 44W C . 0.86 -9.40 -2.40
C1 GOL D . -2.78 -11.29 -4.58
O1 GOL D . -2.34 -11.15 -3.24
C2 GOL D . -3.70 -10.14 -4.94
O2 GOL D . -5.04 -10.55 -4.85
C3 GOL D . -3.41 -9.67 -6.35
O3 GOL D . -3.53 -10.77 -7.23
C1 GOL E . 0.00 21.88 -0.75
O1 GOL E . 0.61 21.66 0.50
C2 GOL E . -1.35 22.52 -0.50
O2 GOL E . -2.35 21.55 -0.28
C3 GOL E . -1.79 23.38 -1.67
O3 GOL E . -3.03 23.97 -1.34
#